data_6M6K
#
_entry.id   6M6K
#
loop_
_entity.id
_entity.type
_entity.pdbx_description
1 polymer "DNA (5'-D(*CP*TP*TP*GP*(3DR)P*CP*TP*TP*G)-3')"
2 non-polymer 'SODIUM ION'
#
_entity_poly.entity_id   1
_entity_poly.type   'polydeoxyribonucleotide'
_entity_poly.pdbx_seq_one_letter_code
;(DC)(DC)(DT)(DG)(3DR)(DC)(DC)(DT)(DG)
;
_entity_poly.pdbx_strand_id   A
#